data_2FXO
#
_entry.id   2FXO
#
_cell.length_a   40.157
_cell.length_b   41.867
_cell.length_c   97.795
_cell.angle_alpha   91.11
_cell.angle_beta   92.73
_cell.angle_gamma   107.18
#
_symmetry.space_group_name_H-M   'P 1'
#
_entity_poly.entity_id   1
_entity_poly.type   'polypeptide(L)'
_entity_poly.pdbx_seq_one_letter_code
;GSSPLLKSAEREKEMASMKEEFTRLKEALEKSEARRKELEEKMVSLLQEKNDLQLQVQAEQDNLADAEERCDQLIKNKIQ
LEAKVKEMNKRLEDEEEMNAELTAKKRKLEDECSELKRDIDDLELTLAK
;
_entity_poly.pdbx_strand_id   A,B,C,D
#
# COMPACT_ATOMS: atom_id res chain seq x y z
N GLY A 1 23.57 17.48 -68.63
CA GLY A 1 22.32 17.38 -69.44
C GLY A 1 21.20 16.58 -68.79
N SER A 2 21.13 15.27 -69.11
CA SER A 2 20.03 14.36 -68.70
C SER A 2 20.18 13.70 -67.31
N SER A 3 21.41 13.39 -66.88
CA SER A 3 21.65 12.90 -65.52
C SER A 3 21.61 14.06 -64.52
N PRO A 4 22.53 15.04 -64.58
CA PRO A 4 22.42 16.25 -63.74
C PRO A 4 21.02 16.91 -63.56
N LEU A 5 20.06 16.64 -64.45
CA LEU A 5 18.67 17.14 -64.34
C LEU A 5 17.79 16.22 -63.54
N LEU A 6 17.93 14.92 -63.81
CA LEU A 6 17.27 13.86 -63.06
C LEU A 6 17.75 13.78 -61.60
N LYS A 7 19.06 13.90 -61.38
CA LYS A 7 19.64 13.92 -60.03
C LYS A 7 19.08 15.04 -59.15
N SER A 8 18.64 16.14 -59.79
CA SER A 8 17.99 17.26 -59.10
C SER A 8 16.58 16.93 -58.64
N ALA A 9 15.84 16.18 -59.44
CA ALA A 9 14.49 15.73 -59.05
C ALA A 9 14.49 14.69 -57.92
N GLU A 10 15.45 13.74 -57.96
CA GLU A 10 15.55 12.67 -56.96
C GLU A 10 16.08 13.25 -55.65
N ARG A 11 16.81 14.35 -55.77
CA ARG A 11 17.33 15.07 -54.62
C ARG A 11 16.21 15.70 -53.78
N GLU A 12 15.14 16.16 -54.44
CA GLU A 12 14.00 16.82 -53.78
C GLU A 12 12.93 15.82 -53.33
N LYS A 13 12.95 14.63 -53.94
CA LYS A 13 12.18 13.51 -53.41
C LYS A 13 12.74 13.14 -52.03
N GLU A 14 14.06 13.23 -51.87
CA GLU A 14 14.78 12.82 -50.64
C GLU A 14 14.76 13.87 -49.51
N MET A 15 14.35 15.11 -49.81
CA MET A 15 14.24 16.18 -48.80
C MET A 15 12.85 16.23 -48.21
N ALA A 16 11.82 16.15 -49.05
CA ALA A 16 10.44 16.06 -48.59
C ALA A 16 10.19 14.80 -47.75
N SER A 17 10.91 13.71 -48.06
CA SER A 17 10.85 12.46 -47.30
C SER A 17 11.60 12.62 -45.99
N MET A 18 12.74 13.30 -46.03
CA MET A 18 13.50 13.62 -44.82
C MET A 18 12.70 14.57 -43.87
N LYS A 19 11.77 15.37 -44.40
CA LYS A 19 10.95 16.29 -43.58
C LYS A 19 9.80 15.54 -42.90
N GLU A 20 9.43 14.38 -43.44
CA GLU A 20 8.49 13.47 -42.77
C GLU A 20 9.18 12.78 -41.60
N GLU A 21 10.29 12.08 -41.90
CA GLU A 21 11.17 11.51 -40.86
C GLU A 21 11.61 12.53 -39.77
N PHE A 22 11.67 13.81 -40.10
CA PHE A 22 12.05 14.86 -39.15
C PHE A 22 10.93 15.14 -38.15
N THR A 23 9.71 15.22 -38.64
CA THR A 23 8.55 15.31 -37.75
C THR A 23 8.33 13.99 -36.97
N ARG A 24 8.79 12.89 -37.53
CA ARG A 24 8.59 11.58 -36.90
C ARG A 24 9.55 11.34 -35.72
N LEU A 25 10.82 11.66 -35.88
CA LEU A 25 11.81 11.50 -34.79
C LEU A 25 11.52 12.46 -33.64
N LYS A 26 11.15 13.68 -33.98
CA LYS A 26 10.85 14.71 -33.01
C LYS A 26 9.75 14.25 -32.09
N GLU A 27 8.78 13.55 -32.66
CA GLU A 27 7.57 13.20 -31.93
C GLU A 27 7.79 11.98 -31.03
N ALA A 28 8.62 11.05 -31.49
CA ALA A 28 8.88 9.82 -30.76
C ALA A 28 9.62 10.11 -29.45
N LEU A 29 10.73 10.84 -29.53
CA LEU A 29 11.44 11.36 -28.34
C LEU A 29 10.55 12.23 -27.47
N GLU A 30 9.73 13.07 -28.08
CA GLU A 30 8.83 13.91 -27.32
C GLU A 30 7.87 13.05 -26.46
N LYS A 31 7.29 11.99 -27.03
CA LYS A 31 6.30 11.14 -26.30
C LYS A 31 6.99 10.28 -25.23
N SER A 32 8.26 9.95 -25.47
CA SER A 32 9.03 9.10 -24.58
C SER A 32 9.65 9.88 -23.44
N GLU A 33 9.75 11.19 -23.58
CA GLU A 33 10.39 12.04 -22.56
C GLU A 33 9.34 12.61 -21.62
N ALA A 34 8.10 12.66 -22.08
CA ALA A 34 6.99 12.85 -21.18
C ALA A 34 7.17 11.70 -20.21
N ARG A 35 7.17 10.48 -20.77
CA ARG A 35 7.26 9.22 -20.01
C ARG A 35 8.45 9.09 -19.06
N ARG A 36 9.65 9.47 -19.50
CA ARG A 36 10.86 9.36 -18.67
C ARG A 36 10.85 10.32 -17.50
N LYS A 37 10.16 11.45 -17.64
CA LYS A 37 10.04 12.43 -16.55
C LYS A 37 8.95 12.05 -15.53
N GLU A 38 7.77 11.68 -16.02
CA GLU A 38 6.66 11.22 -15.16
C GLU A 38 7.08 10.03 -14.31
N LEU A 39 8.09 9.30 -14.81
CA LEU A 39 8.59 8.08 -14.20
C LEU A 39 9.71 8.38 -13.21
N GLU A 40 10.47 9.44 -13.45
CA GLU A 40 11.66 9.76 -12.64
C GLU A 40 11.23 10.29 -11.31
N GLU A 41 10.11 11.00 -11.36
CA GLU A 41 9.47 11.54 -10.18
C GLU A 41 8.74 10.41 -9.47
N LYS A 42 7.97 9.59 -10.21
CA LYS A 42 7.25 8.46 -9.62
C LYS A 42 8.16 7.49 -8.85
N MET A 43 9.44 7.40 -9.23
CA MET A 43 10.45 6.63 -8.50
C MET A 43 10.92 7.36 -7.25
N VAL A 44 11.15 8.66 -7.38
CA VAL A 44 11.49 9.51 -6.25
C VAL A 44 10.48 9.36 -5.10
N SER A 45 9.19 9.41 -5.41
CA SER A 45 8.14 9.40 -4.40
C SER A 45 7.84 7.99 -3.87
N LEU A 46 8.36 6.97 -4.56
CA LEU A 46 8.31 5.60 -4.06
C LEU A 46 9.58 5.24 -3.31
N LEU A 47 10.65 6.00 -3.55
CA LEU A 47 11.92 5.73 -2.90
C LEU A 47 11.89 6.37 -1.53
N GLN A 48 11.25 7.53 -1.44
CA GLN A 48 10.98 8.20 -0.19
C GLN A 48 9.96 7.37 0.60
N GLU A 49 8.97 6.82 -0.10
CA GLU A 49 7.89 6.09 0.56
C GLU A 49 8.40 4.77 1.17
N LYS A 50 9.38 4.15 0.51
CA LYS A 50 10.13 3.05 1.09
C LYS A 50 10.67 3.47 2.46
N ASN A 51 11.40 4.59 2.48
CA ASN A 51 12.12 5.06 3.68
C ASN A 51 11.28 5.63 4.82
N ASP A 52 10.00 5.90 4.58
CA ASP A 52 9.07 6.26 5.66
C ASP A 52 8.59 4.99 6.36
N LEU A 53 8.71 3.87 5.65
CA LEU A 53 8.35 2.54 6.16
C LEU A 53 9.58 1.84 6.77
N GLN A 54 10.76 2.21 6.32
CA GLN A 54 11.98 1.65 6.86
C GLN A 54 12.31 2.26 8.24
N LEU A 55 11.84 3.48 8.44
CA LEU A 55 11.92 4.14 9.73
C LEU A 55 10.73 3.72 10.55
N GLN A 56 9.57 3.61 9.93
CA GLN A 56 8.45 3.03 10.64
C GLN A 56 8.85 1.67 11.27
N VAL A 57 9.73 0.92 10.59
CA VAL A 57 10.16 -0.42 11.02
C VAL A 57 11.14 -0.32 12.19
N GLN A 58 12.04 0.66 12.16
CA GLN A 58 13.01 0.85 13.26
C GLN A 58 12.34 1.32 14.52
N ALA A 59 11.33 2.18 14.36
CA ALA A 59 10.53 2.71 15.47
C ALA A 59 9.77 1.59 16.18
N GLU A 60 9.27 0.60 15.43
CA GLU A 60 8.55 -0.50 16.05
C GLU A 60 9.51 -1.52 16.72
N GLN A 61 10.62 -1.88 16.10
CA GLN A 61 11.54 -2.87 16.70
C GLN A 61 12.21 -2.41 18.02
N ASP A 62 12.22 -1.10 18.25
CA ASP A 62 12.81 -0.48 19.44
C ASP A 62 11.72 -0.11 20.46
N ASN A 63 10.53 0.22 19.98
CA ASN A 63 9.36 0.19 20.83
C ASN A 63 9.25 -1.20 21.45
N LEU A 64 9.54 -2.20 20.64
CA LEU A 64 9.44 -3.61 21.05
C LEU A 64 10.51 -3.97 22.06
N ALA A 65 11.76 -3.64 21.72
CA ALA A 65 12.89 -3.90 22.60
C ALA A 65 12.67 -3.38 24.03
N ASP A 66 11.97 -2.26 24.17
CA ASP A 66 11.75 -1.62 25.47
C ASP A 66 10.56 -2.27 26.18
N ALA A 67 9.56 -2.73 25.43
CA ALA A 67 8.57 -3.60 26.04
C ALA A 67 9.28 -4.84 26.61
N GLU A 68 10.24 -5.41 25.89
CA GLU A 68 10.83 -6.70 26.28
C GLU A 68 11.73 -6.53 27.47
N GLU A 69 12.10 -5.28 27.73
CA GLU A 69 12.95 -4.97 28.84
C GLU A 69 12.10 -4.86 30.07
N ARG A 70 11.10 -3.99 30.03
CA ARG A 70 10.09 -3.97 31.10
C ARG A 70 9.53 -5.35 31.42
N CYS A 71 9.44 -6.25 30.46
CA CYS A 71 8.93 -7.57 30.80
C CYS A 71 9.95 -8.34 31.61
N ASP A 72 11.21 -8.22 31.22
CA ASP A 72 12.33 -8.87 31.89
C ASP A 72 12.47 -8.43 33.33
N GLN A 73 12.44 -7.13 33.59
CA GLN A 73 12.40 -6.63 34.97
C GLN A 73 11.22 -7.25 35.73
N LEU A 74 10.00 -7.11 35.19
CA LEU A 74 8.78 -7.48 35.92
C LEU A 74 8.76 -8.96 36.16
N ILE A 75 9.34 -9.72 35.25
CA ILE A 75 9.51 -11.17 35.48
C ILE A 75 10.46 -11.45 36.64
N LYS A 76 11.65 -10.84 36.62
CA LYS A 76 12.66 -11.07 37.65
C LYS A 76 12.08 -10.71 39.03
N ASN A 77 11.18 -9.74 39.03
CA ASN A 77 10.64 -9.16 40.24
C ASN A 77 9.61 -10.09 40.84
N LYS A 78 8.62 -10.48 40.05
CA LYS A 78 7.67 -11.57 40.32
C LYS A 78 8.35 -12.82 40.92
N ILE A 79 9.51 -13.17 40.41
CA ILE A 79 10.17 -14.35 40.94
C ILE A 79 10.37 -14.15 42.43
N GLN A 80 11.02 -13.05 42.76
CA GLN A 80 11.37 -12.73 44.15
C GLN A 80 10.14 -12.55 45.05
N LEU A 81 9.13 -11.77 44.64
CA LEU A 81 7.86 -11.62 45.41
C LEU A 81 7.11 -12.93 45.61
N GLU A 82 7.24 -13.85 44.66
CA GLU A 82 6.59 -15.16 44.77
C GLU A 82 7.30 -15.99 45.80
N ALA A 83 8.62 -15.78 45.88
CA ALA A 83 9.42 -16.47 46.87
C ALA A 83 9.12 -15.91 48.27
N LYS A 84 8.98 -14.60 48.42
CA LYS A 84 8.62 -14.02 49.72
C LYS A 84 7.26 -14.56 50.19
N VAL A 85 6.27 -14.63 49.29
CA VAL A 85 4.94 -15.20 49.61
C VAL A 85 5.04 -16.65 50.09
N LYS A 86 5.68 -17.51 49.31
CA LYS A 86 5.83 -18.94 49.65
C LYS A 86 6.46 -19.11 51.06
N GLU A 87 7.48 -18.28 51.31
CA GLU A 87 8.24 -18.38 52.54
C GLU A 87 7.39 -17.81 53.70
N MET A 88 6.62 -16.74 53.46
CA MET A 88 5.66 -16.24 54.49
C MET A 88 4.47 -17.13 54.70
N ASN A 89 4.06 -17.89 53.70
CA ASN A 89 3.01 -18.88 53.93
C ASN A 89 3.51 -20.03 54.78
N LYS A 90 4.83 -20.21 54.85
CA LYS A 90 5.40 -21.29 55.67
C LYS A 90 5.43 -20.81 57.12
N ARG A 91 6.05 -19.65 57.37
CA ARG A 91 6.10 -19.08 58.72
C ARG A 91 4.70 -18.96 59.28
N LEU A 92 3.75 -18.64 58.43
CA LEU A 92 2.35 -18.63 58.87
C LEU A 92 1.88 -19.97 59.37
N GLU A 93 1.92 -20.99 58.51
CA GLU A 93 1.56 -22.34 58.94
C GLU A 93 2.27 -22.70 60.25
N ASP A 94 3.58 -22.40 60.34
CA ASP A 94 4.38 -22.58 61.57
C ASP A 94 3.88 -21.86 62.84
N GLU A 95 3.41 -20.62 62.74
CA GLU A 95 2.91 -19.90 63.90
C GLU A 95 1.56 -20.40 64.31
N GLU A 96 0.74 -20.82 63.34
CA GLU A 96 -0.62 -21.27 63.63
C GLU A 96 -0.53 -22.61 64.32
N GLU A 97 0.52 -23.36 63.96
CA GLU A 97 0.85 -24.66 64.57
C GLU A 97 1.21 -24.51 66.04
N MET A 98 2.06 -23.53 66.34
CA MET A 98 2.37 -23.12 67.72
C MET A 98 1.14 -22.67 68.49
N ASN A 99 0.38 -21.73 67.95
CA ASN A 99 -0.97 -21.42 68.46
C ASN A 99 -1.73 -22.69 68.91
N ALA A 100 -1.81 -23.66 68.01
CA ALA A 100 -2.65 -24.85 68.25
C ALA A 100 -2.07 -25.72 69.36
N GLU A 101 -0.76 -25.92 69.31
CA GLU A 101 0.01 -26.63 70.34
C GLU A 101 -0.09 -25.99 71.77
N LEU A 102 -0.07 -24.64 71.90
CA LEU A 102 -0.23 -23.94 73.20
C LEU A 102 -1.66 -23.98 73.67
N THR A 103 -2.58 -24.04 72.73
CA THR A 103 -4.00 -24.06 73.06
C THR A 103 -4.32 -25.38 73.74
N ALA A 104 -3.71 -26.45 73.23
CA ALA A 104 -3.85 -27.80 73.76
C ALA A 104 -3.24 -27.92 75.15
N LYS A 105 -2.06 -27.31 75.32
CA LYS A 105 -1.33 -27.25 76.60
C LYS A 105 -2.14 -26.41 77.59
N LYS A 106 -2.75 -25.32 77.12
CA LYS A 106 -3.58 -24.45 77.96
C LYS A 106 -4.81 -25.24 78.38
N ARG A 107 -5.38 -26.01 77.46
CA ARG A 107 -6.56 -26.79 77.80
C ARG A 107 -6.22 -27.93 78.76
N LYS A 108 -5.06 -28.55 78.56
CA LYS A 108 -4.61 -29.62 79.44
C LYS A 108 -4.41 -29.07 80.90
N LEU A 109 -3.79 -27.89 81.04
CA LEU A 109 -3.58 -27.34 82.37
C LEU A 109 -4.88 -26.80 82.96
N GLU A 110 -5.88 -26.43 82.17
CA GLU A 110 -7.16 -26.09 82.81
C GLU A 110 -7.77 -27.34 83.42
N ASP A 111 -7.70 -28.47 82.71
CA ASP A 111 -8.30 -29.69 83.22
C ASP A 111 -7.62 -30.13 84.52
N GLU A 112 -6.31 -29.96 84.54
CA GLU A 112 -5.49 -30.42 85.65
C GLU A 112 -5.78 -29.62 86.90
N CYS A 113 -5.76 -28.29 86.77
CA CYS A 113 -6.18 -27.40 87.87
C CYS A 113 -7.57 -27.69 88.39
N SER A 114 -8.55 -27.89 87.53
CA SER A 114 -9.90 -28.19 88.00
C SER A 114 -9.90 -29.54 88.75
N GLU A 115 -9.12 -30.52 88.28
CA GLU A 115 -9.02 -31.77 89.00
C GLU A 115 -8.29 -31.65 90.33
N LEU A 116 -7.29 -30.76 90.45
CA LEU A 116 -6.58 -30.59 91.73
C LEU A 116 -7.35 -29.72 92.72
N LYS A 117 -8.27 -28.90 92.25
CA LYS A 117 -9.20 -28.26 93.21
C LYS A 117 -10.15 -29.33 93.73
N ARG A 118 -10.42 -30.37 92.93
CA ARG A 118 -11.33 -31.42 93.36
C ARG A 118 -10.71 -32.36 94.39
N ASP A 119 -9.42 -32.65 94.24
CA ASP A 119 -8.68 -33.43 95.23
C ASP A 119 -8.52 -32.67 96.53
N ILE A 120 -8.23 -31.39 96.45
CA ILE A 120 -8.06 -30.60 97.66
C ILE A 120 -9.42 -30.66 98.37
N ASP A 121 -10.46 -30.26 97.68
CA ASP A 121 -11.83 -30.35 98.24
C ASP A 121 -12.11 -31.68 98.94
N ASP A 122 -11.94 -32.80 98.25
CA ASP A 122 -12.34 -34.14 98.74
C ASP A 122 -11.44 -34.58 99.91
N LEU A 123 -10.22 -34.08 99.92
CA LEU A 123 -9.27 -34.33 100.98
C LEU A 123 -9.77 -33.67 102.27
N GLU A 124 -10.10 -32.39 102.16
CA GLU A 124 -10.51 -31.58 103.30
C GLU A 124 -11.89 -31.89 103.84
N LEU A 125 -12.73 -32.58 103.08
CA LEU A 125 -14.05 -32.95 103.57
C LEU A 125 -14.03 -34.31 104.35
N THR A 126 -12.84 -34.72 104.80
CA THR A 126 -12.65 -35.77 105.80
C THR A 126 -12.47 -35.13 107.17
N LEU A 127 -11.89 -33.93 107.19
CA LEU A 127 -11.74 -33.15 108.41
C LEU A 127 -12.99 -32.32 108.76
N ALA A 128 -13.87 -32.11 107.78
CA ALA A 128 -15.06 -31.23 107.93
C ALA A 128 -15.81 -31.38 109.27
N LYS A 129 -16.10 -30.25 109.92
CA LYS A 129 -16.83 -30.21 111.19
C LYS A 129 -17.55 -28.87 111.37
N SER B 3 18.63 33.55 -58.48
CA SER B 3 17.70 33.03 -57.42
C SER B 3 17.50 31.51 -57.49
N PRO B 4 17.50 30.91 -58.69
CA PRO B 4 17.63 29.46 -58.83
C PRO B 4 19.09 28.96 -58.84
N LEU B 5 20.05 29.87 -59.05
CA LEU B 5 21.47 29.55 -58.82
C LEU B 5 21.70 29.26 -57.33
N LEU B 6 20.96 29.97 -56.47
CA LEU B 6 21.12 29.89 -55.01
C LEU B 6 20.49 28.63 -54.47
N LYS B 7 19.20 28.44 -54.76
CA LYS B 7 18.36 27.41 -54.16
C LYS B 7 18.92 25.98 -54.15
N SER B 8 19.93 25.70 -54.96
CA SER B 8 20.62 24.42 -54.92
C SER B 8 21.64 24.33 -53.80
N ALA B 9 22.30 25.43 -53.45
CA ALA B 9 23.06 25.53 -52.19
C ALA B 9 22.17 25.53 -50.92
N GLU B 10 21.03 26.22 -50.96
CA GLU B 10 20.11 26.30 -49.83
C GLU B 10 19.37 24.97 -49.61
N ARG B 11 19.39 24.09 -50.60
CA ARG B 11 18.89 22.71 -50.46
C ARG B 11 19.93 21.91 -49.70
N GLU B 12 21.20 22.00 -50.12
CA GLU B 12 22.23 21.13 -49.55
C GLU B 12 22.46 21.32 -48.05
N LYS B 13 22.26 22.55 -47.57
CA LYS B 13 22.62 22.90 -46.20
C LYS B 13 21.42 22.82 -45.25
N GLU B 14 20.22 22.81 -45.80
CA GLU B 14 19.08 22.44 -45.00
C GLU B 14 19.12 20.93 -44.82
N MET B 15 19.76 20.24 -45.78
CA MET B 15 19.87 18.77 -45.81
C MET B 15 21.14 18.27 -45.13
N ALA B 16 22.01 19.22 -44.78
CA ALA B 16 23.18 18.93 -43.97
C ALA B 16 22.81 19.09 -42.51
N SER B 17 22.27 20.25 -42.16
CA SER B 17 21.96 20.59 -40.76
C SER B 17 20.79 19.76 -40.25
N MET B 18 20.01 19.20 -41.18
CA MET B 18 18.98 18.24 -40.82
C MET B 18 19.57 16.84 -40.64
N LYS B 19 20.58 16.47 -41.42
CA LYS B 19 21.24 15.18 -41.24
C LYS B 19 21.96 15.04 -39.90
N GLU B 20 22.46 16.17 -39.37
CA GLU B 20 23.17 16.22 -38.08
C GLU B 20 22.17 16.15 -36.91
N GLU B 21 20.99 16.76 -37.08
CA GLU B 21 19.91 16.65 -36.11
C GLU B 21 19.29 15.24 -36.09
N PHE B 22 19.60 14.40 -37.07
CA PHE B 22 19.09 13.03 -37.08
C PHE B 22 19.89 12.21 -36.08
N THR B 23 21.18 12.03 -36.35
CA THR B 23 22.05 11.30 -35.43
C THR B 23 21.90 11.81 -33.98
N ARG B 24 21.66 13.11 -33.81
CA ARG B 24 21.44 13.70 -32.49
C ARG B 24 20.10 13.26 -31.84
N LEU B 25 19.00 13.33 -32.58
CA LEU B 25 17.68 12.90 -32.07
C LEU B 25 17.64 11.37 -31.90
N LYS B 26 18.15 10.65 -32.87
CA LYS B 26 18.32 9.19 -32.79
C LYS B 26 19.03 8.76 -31.51
N GLU B 27 20.06 9.51 -31.13
CA GLU B 27 20.84 9.21 -29.93
C GLU B 27 20.13 9.63 -28.66
N ALA B 28 19.41 10.75 -28.70
CA ALA B 28 18.62 11.19 -27.55
C ALA B 28 17.43 10.28 -27.36
N LEU B 29 16.98 9.65 -28.44
CA LEU B 29 15.91 8.66 -28.35
C LEU B 29 16.47 7.48 -27.59
N GLU B 30 17.59 6.94 -28.06
CA GLU B 30 18.10 5.69 -27.45
C GLU B 30 18.37 5.84 -25.96
N LYS B 31 18.75 7.04 -25.53
CA LYS B 31 19.06 7.31 -24.13
C LYS B 31 17.79 7.54 -23.31
N SER B 32 16.85 8.32 -23.82
CA SER B 32 15.59 8.53 -23.14
C SER B 32 14.90 7.20 -22.84
N GLU B 33 14.98 6.26 -23.76
CA GLU B 33 14.40 4.93 -23.59
C GLU B 33 15.21 4.16 -22.56
N ALA B 34 16.53 4.28 -22.64
CA ALA B 34 17.45 3.56 -21.75
C ALA B 34 17.24 3.93 -20.27
N ARG B 35 17.04 5.22 -20.00
CA ARG B 35 16.67 5.69 -18.68
C ARG B 35 15.33 5.09 -18.23
N ARG B 36 14.33 5.17 -19.12
CA ARG B 36 13.03 4.56 -18.88
C ARG B 36 13.19 3.10 -18.45
N LYS B 37 13.81 2.26 -19.28
CA LYS B 37 13.99 0.86 -18.94
C LYS B 37 14.62 0.65 -17.55
N GLU B 38 15.44 1.62 -17.13
CA GLU B 38 16.20 1.51 -15.88
C GLU B 38 15.36 1.87 -14.67
N LEU B 39 14.43 2.78 -14.82
CA LEU B 39 13.54 3.11 -13.71
C LEU B 39 12.46 2.05 -13.56
N GLU B 40 11.92 1.59 -14.67
CA GLU B 40 11.02 0.45 -14.63
C GLU B 40 11.73 -0.76 -14.00
N GLU B 41 12.99 -1.01 -14.35
CA GLU B 41 13.69 -2.13 -13.74
C GLU B 41 13.68 -1.92 -12.23
N LYS B 42 14.09 -0.72 -11.82
CA LYS B 42 14.28 -0.41 -10.40
C LYS B 42 12.99 -0.07 -9.63
N MET B 43 11.91 0.30 -10.30
CA MET B 43 10.62 0.46 -9.61
C MET B 43 10.03 -0.89 -9.21
N VAL B 44 10.02 -1.83 -10.13
CA VAL B 44 9.65 -3.20 -9.81
C VAL B 44 10.31 -3.60 -8.49
N SER B 45 11.64 -3.51 -8.42
CA SER B 45 12.40 -3.94 -7.24
C SER B 45 11.96 -3.20 -5.97
N LEU B 46 11.62 -1.92 -6.10
CA LEU B 46 11.13 -1.13 -4.98
C LEU B 46 9.71 -1.54 -4.57
N LEU B 47 8.82 -1.79 -5.51
CA LEU B 47 7.52 -2.32 -5.15
C LEU B 47 7.67 -3.57 -4.26
N GLN B 48 8.64 -4.43 -4.58
CA GLN B 48 8.86 -5.64 -3.80
C GLN B 48 9.58 -5.42 -2.44
N GLU B 49 10.28 -4.29 -2.28
CA GLU B 49 10.74 -3.83 -0.96
C GLU B 49 9.56 -3.21 -0.19
N LYS B 50 9.02 -2.09 -0.67
CA LYS B 50 7.94 -1.40 0.02
C LYS B 50 6.91 -2.41 0.57
N ASN B 51 6.46 -3.36 -0.23
CA ASN B 51 5.45 -4.31 0.24
C ASN B 51 5.90 -5.23 1.35
N ASP B 52 7.17 -5.67 1.29
CA ASP B 52 7.80 -6.39 2.40
C ASP B 52 7.84 -5.59 3.69
N LEU B 53 8.13 -4.31 3.58
CA LEU B 53 8.23 -3.48 4.76
C LEU B 53 6.84 -3.22 5.40
N GLN B 54 5.84 -2.85 4.60
CA GLN B 54 4.46 -2.75 5.06
C GLN B 54 4.05 -3.95 5.92
N LEU B 55 4.47 -5.14 5.50
CA LEU B 55 4.25 -6.37 6.25
C LEU B 55 5.14 -6.49 7.47
N GLN B 56 6.37 -6.01 7.37
CA GLN B 56 7.30 -6.09 8.48
C GLN B 56 6.73 -5.25 9.60
N VAL B 57 6.40 -4.00 9.32
CA VAL B 57 5.73 -3.14 10.32
C VAL B 57 4.50 -3.78 10.95
N GLN B 58 3.52 -4.24 10.17
CA GLN B 58 2.35 -4.92 10.75
C GLN B 58 2.66 -6.14 11.65
N ALA B 59 3.85 -6.73 11.51
CA ALA B 59 4.17 -7.90 12.31
C ALA B 59 4.85 -7.48 13.58
N GLU B 60 5.71 -6.48 13.51
CA GLU B 60 6.35 -5.89 14.68
C GLU B 60 5.33 -5.20 15.59
N GLN B 61 4.34 -4.54 15.01
CA GLN B 61 3.30 -3.92 15.82
C GLN B 61 2.51 -4.99 16.53
N ASP B 62 2.39 -6.18 15.93
CA ASP B 62 1.64 -7.28 16.56
C ASP B 62 2.46 -7.93 17.64
N ASN B 63 3.79 -7.88 17.49
CA ASN B 63 4.73 -8.24 18.56
C ASN B 63 4.75 -7.20 19.69
N LEU B 64 4.64 -5.92 19.36
CA LEU B 64 4.65 -4.85 20.36
C LEU B 64 3.40 -4.99 21.17
N ALA B 65 2.28 -5.25 20.53
CA ALA B 65 1.03 -5.49 21.27
C ALA B 65 1.05 -6.71 22.18
N ASP B 66 1.77 -7.75 21.78
CA ASP B 66 1.84 -8.97 22.62
C ASP B 66 2.56 -8.58 23.86
N ALA B 67 3.74 -7.98 23.66
CA ALA B 67 4.58 -7.48 24.73
C ALA B 67 3.86 -6.47 25.66
N GLU B 68 3.21 -5.46 25.10
CA GLU B 68 2.55 -4.47 25.94
C GLU B 68 1.48 -5.11 26.81
N GLU B 69 0.87 -6.19 26.31
CA GLU B 69 -0.14 -6.93 27.07
C GLU B 69 0.51 -7.75 28.17
N ARG B 70 1.61 -8.46 27.85
CA ARG B 70 2.41 -9.18 28.84
C ARG B 70 2.88 -8.30 29.99
N CYS B 71 3.24 -7.05 29.71
CA CYS B 71 3.58 -6.10 30.79
C CYS B 71 2.39 -5.73 31.64
N ASP B 72 1.32 -5.31 31.00
CA ASP B 72 0.19 -4.76 31.72
C ASP B 72 -0.28 -5.75 32.80
N GLN B 73 -0.25 -7.04 32.46
CA GLN B 73 -0.60 -8.13 33.36
C GLN B 73 0.51 -8.46 34.42
N LEU B 74 1.79 -8.37 34.06
CA LEU B 74 2.84 -8.51 35.07
C LEU B 74 2.69 -7.37 36.13
N ILE B 75 2.52 -6.14 35.65
CA ILE B 75 2.31 -4.98 36.53
C ILE B 75 1.18 -5.30 37.48
N LYS B 76 -0.01 -5.59 36.95
CA LYS B 76 -1.18 -5.90 37.79
C LYS B 76 -0.78 -7.02 38.73
N ASN B 77 -0.10 -8.06 38.24
CA ASN B 77 0.30 -9.16 39.12
C ASN B 77 1.33 -8.73 40.23
N LYS B 78 2.32 -7.91 39.88
CA LYS B 78 3.21 -7.40 40.92
C LYS B 78 2.41 -6.64 41.99
N ILE B 79 1.55 -5.72 41.57
CA ILE B 79 0.65 -5.00 42.54
C ILE B 79 -0.17 -5.96 43.40
N GLN B 80 -0.63 -7.08 42.85
CA GLN B 80 -1.38 -8.03 43.68
C GLN B 80 -0.46 -8.75 44.65
N LEU B 81 0.73 -9.14 44.18
CA LEU B 81 1.74 -9.73 45.05
C LEU B 81 2.19 -8.79 46.16
N GLU B 82 2.31 -7.50 45.91
CA GLU B 82 2.68 -6.54 46.98
C GLU B 82 1.60 -6.39 48.05
N ALA B 83 0.36 -6.51 47.62
CA ALA B 83 -0.73 -6.40 48.58
C ALA B 83 -0.72 -7.64 49.44
N LYS B 84 -0.57 -8.81 48.81
CA LYS B 84 -0.39 -10.09 49.52
C LYS B 84 0.75 -10.13 50.55
N VAL B 85 1.84 -9.43 50.29
CA VAL B 85 2.97 -9.45 51.21
C VAL B 85 2.53 -8.66 52.43
N LYS B 86 2.11 -7.42 52.23
CA LYS B 86 1.52 -6.59 53.30
C LYS B 86 0.46 -7.32 54.11
N GLU B 87 -0.45 -8.01 53.47
CA GLU B 87 -1.48 -8.70 54.23
C GLU B 87 -0.79 -9.78 55.09
N MET B 88 0.08 -10.60 54.50
CA MET B 88 0.76 -11.65 55.29
C MET B 88 1.69 -11.18 56.40
N ASN B 89 2.32 -10.01 56.29
CA ASN B 89 3.11 -9.51 57.43
C ASN B 89 2.16 -9.15 58.58
N LYS B 90 1.16 -8.33 58.30
CA LYS B 90 0.17 -7.96 59.31
C LYS B 90 -0.40 -9.24 59.97
N ARG B 91 -0.63 -10.30 59.20
CA ARG B 91 -1.13 -11.51 59.83
C ARG B 91 -0.12 -12.16 60.74
N LEU B 92 1.13 -12.20 60.27
CA LEU B 92 2.22 -12.74 61.05
C LEU B 92 2.27 -12.03 62.40
N GLU B 93 2.45 -10.72 62.40
CA GLU B 93 2.33 -9.93 63.64
C GLU B 93 1.11 -10.39 64.49
N ASP B 94 -0.07 -10.46 63.91
CA ASP B 94 -1.22 -10.90 64.69
C ASP B 94 -1.04 -12.32 65.26
N GLU B 95 -0.63 -13.32 64.47
CA GLU B 95 -0.42 -14.69 65.03
C GLU B 95 0.62 -14.74 66.17
N GLU B 96 1.68 -13.96 66.03
CA GLU B 96 2.71 -13.82 67.07
C GLU B 96 2.19 -13.12 68.33
N GLU B 97 1.48 -12.01 68.19
CA GLU B 97 0.78 -11.39 69.33
C GLU B 97 -0.02 -12.50 70.06
N MET B 98 -0.75 -13.32 69.31
CA MET B 98 -1.65 -14.34 69.90
C MET B 98 -0.92 -15.41 70.65
N ASN B 99 0.22 -15.84 70.10
CA ASN B 99 1.08 -16.83 70.76
C ASN B 99 1.72 -16.23 72.05
N ALA B 100 1.96 -14.92 72.09
CA ALA B 100 2.59 -14.35 73.31
C ALA B 100 1.55 -14.35 74.43
N GLU B 101 0.30 -13.98 74.10
CA GLU B 101 -0.83 -14.06 75.03
C GLU B 101 -1.16 -15.49 75.48
N LEU B 102 -1.18 -16.45 74.57
CA LEU B 102 -1.39 -17.86 74.95
C LEU B 102 -0.22 -18.33 75.82
N THR B 103 0.99 -17.87 75.53
CA THR B 103 2.11 -18.20 76.38
C THR B 103 1.89 -17.69 77.82
N ALA B 104 1.64 -16.41 78.02
CA ALA B 104 1.39 -15.89 79.38
C ALA B 104 0.27 -16.62 80.07
N LYS B 105 -0.83 -16.88 79.37
CA LYS B 105 -1.90 -17.74 79.97
C LYS B 105 -1.35 -19.13 80.32
N LYS B 106 -0.55 -19.73 79.43
CA LYS B 106 -0.03 -21.07 79.70
C LYS B 106 0.72 -20.97 81.03
N ARG B 107 1.52 -19.94 81.19
CA ARG B 107 2.32 -19.78 82.40
C ARG B 107 1.56 -19.52 83.69
N LYS B 108 0.53 -18.68 83.68
CA LYS B 108 -0.28 -18.51 84.87
C LYS B 108 -0.98 -19.82 85.23
N LEU B 109 -1.36 -20.65 84.27
CA LEU B 109 -1.96 -21.92 84.65
C LEU B 109 -0.89 -22.89 85.16
N GLU B 110 0.31 -22.82 84.61
CA GLU B 110 1.41 -23.64 85.11
C GLU B 110 1.67 -23.32 86.59
N ASP B 111 1.59 -22.02 86.94
CA ASP B 111 1.89 -21.55 88.27
C ASP B 111 0.73 -21.79 89.22
N GLU B 112 -0.49 -21.72 88.71
CA GLU B 112 -1.68 -22.02 89.52
C GLU B 112 -1.70 -23.50 89.83
N CYS B 113 -1.35 -24.33 88.85
CA CYS B 113 -1.30 -25.77 89.12
C CYS B 113 -0.20 -26.03 90.13
N SER B 114 0.93 -25.34 89.99
CA SER B 114 2.11 -25.56 90.85
C SER B 114 1.79 -25.27 92.33
N GLU B 115 1.12 -24.16 92.58
CA GLU B 115 0.62 -23.86 93.91
C GLU B 115 -0.33 -24.94 94.42
N LEU B 116 -1.16 -25.49 93.54
CA LEU B 116 -2.16 -26.46 94.02
C LEU B 116 -1.51 -27.77 94.41
N LYS B 117 -0.49 -28.21 93.65
CA LYS B 117 0.28 -29.40 94.01
C LYS B 117 0.87 -29.33 95.43
N ARG B 118 1.19 -28.12 95.89
CA ARG B 118 1.72 -27.86 97.22
C ARG B 118 0.64 -27.66 98.28
N ASP B 119 -0.54 -27.18 97.94
CA ASP B 119 -1.64 -27.18 98.91
C ASP B 119 -1.99 -28.65 99.26
N ILE B 120 -2.04 -29.50 98.25
CA ILE B 120 -2.28 -30.94 98.42
C ILE B 120 -1.18 -31.57 99.23
N ASP B 121 0.08 -31.33 98.83
CA ASP B 121 1.29 -31.87 99.52
C ASP B 121 1.49 -31.39 100.96
N ASP B 122 1.26 -30.10 101.24
CA ASP B 122 1.29 -29.57 102.61
C ASP B 122 0.25 -30.34 103.44
N LEU B 123 -0.91 -30.57 102.82
CA LEU B 123 -2.08 -31.13 103.52
C LEU B 123 -2.05 -32.65 103.62
N GLU B 124 -1.33 -33.32 102.73
CA GLU B 124 -1.27 -34.79 102.71
C GLU B 124 -0.26 -35.31 103.75
N LEU B 125 0.84 -34.59 103.90
CA LEU B 125 1.83 -34.87 104.91
C LEU B 125 1.19 -35.31 106.22
N THR B 126 0.33 -34.45 106.76
CA THR B 126 -0.22 -34.62 108.10
C THR B 126 -0.96 -35.95 108.34
N LEU B 127 -1.61 -36.47 107.30
CA LEU B 127 -2.50 -37.63 107.42
C LEU B 127 -1.79 -38.94 107.12
N SER C 2 -27.96 -16.08 66.33
CA SER C 2 -26.50 -15.84 66.67
C SER C 2 -25.66 -15.24 65.53
N SER C 3 -24.45 -14.81 65.88
CA SER C 3 -23.60 -14.00 64.99
C SER C 3 -22.81 -14.81 63.97
N PRO C 4 -22.24 -15.93 64.37
CA PRO C 4 -21.62 -16.89 63.43
C PRO C 4 -22.61 -17.69 62.56
N LEU C 5 -23.80 -17.97 63.08
CA LEU C 5 -24.86 -18.55 62.26
C LEU C 5 -25.08 -17.70 60.99
N LEU C 6 -25.01 -16.38 61.15
CA LEU C 6 -25.22 -15.45 60.05
C LEU C 6 -24.05 -15.46 59.12
N LYS C 7 -22.84 -15.45 59.68
CA LYS C 7 -21.58 -15.52 58.89
C LYS C 7 -21.47 -16.75 57.99
N SER C 8 -21.99 -17.87 58.46
CA SER C 8 -21.88 -19.15 57.75
C SER C 8 -22.63 -19.09 56.46
N ALA C 9 -23.87 -18.63 56.52
CA ALA C 9 -24.75 -18.54 55.33
C ALA C 9 -24.46 -17.35 54.40
N GLU C 10 -23.77 -16.34 54.90
CA GLU C 10 -23.33 -15.20 54.08
C GLU C 10 -22.14 -15.61 53.20
N ARG C 11 -21.39 -16.63 53.63
CA ARG C 11 -20.34 -17.20 52.77
C ARG C 11 -20.96 -18.14 51.71
N GLU C 12 -21.92 -18.97 52.11
CA GLU C 12 -22.52 -19.91 51.18
C GLU C 12 -23.22 -19.15 50.06
N LYS C 13 -23.74 -17.97 50.39
CA LYS C 13 -24.37 -17.09 49.40
C LYS C 13 -23.35 -16.61 48.39
N GLU C 14 -22.28 -16.00 48.90
CA GLU C 14 -21.23 -15.43 48.07
C GLU C 14 -20.54 -16.50 47.22
N MET C 15 -20.31 -17.67 47.77
CA MET C 15 -19.68 -18.70 46.94
C MET C 15 -20.52 -19.08 45.75
N ALA C 16 -21.83 -19.19 45.97
CA ALA C 16 -22.79 -19.54 44.94
C ALA C 16 -23.02 -18.40 43.95
N SER C 17 -23.00 -17.15 44.42
CA SER C 17 -23.07 -16.03 43.48
C SER C 17 -21.78 -15.91 42.65
N MET C 18 -20.63 -16.25 43.23
CA MET C 18 -19.35 -16.30 42.49
C MET C 18 -19.31 -17.49 41.51
N LYS C 19 -19.84 -18.64 41.88
CA LYS C 19 -19.87 -19.80 40.98
C LYS C 19 -20.75 -19.60 39.77
N GLU C 20 -21.51 -18.50 39.74
CA GLU C 20 -22.41 -18.25 38.61
C GLU C 20 -21.80 -17.19 37.71
N GLU C 21 -21.11 -16.20 38.27
CA GLU C 21 -20.20 -15.34 37.50
C GLU C 21 -19.07 -16.13 36.79
N PHE C 22 -18.52 -17.14 37.45
CA PHE C 22 -17.50 -17.99 36.81
C PHE C 22 -18.04 -18.48 35.49
N THR C 23 -19.16 -19.21 35.54
CA THR C 23 -19.74 -19.83 34.35
C THR C 23 -20.01 -18.79 33.26
N ARG C 24 -20.56 -17.66 33.66
CA ARG C 24 -20.84 -16.56 32.72
C ARG C 24 -19.60 -15.94 32.06
N LEU C 25 -18.53 -15.71 32.82
CA LEU C 25 -17.29 -15.14 32.24
C LEU C 25 -16.58 -16.12 31.34
N LYS C 26 -16.56 -17.40 31.67
CA LYS C 26 -16.12 -18.44 30.73
C LYS C 26 -16.82 -18.24 29.39
N GLU C 27 -18.13 -18.00 29.42
CA GLU C 27 -18.91 -17.87 28.18
C GLU C 27 -18.57 -16.59 27.43
N ALA C 28 -18.45 -15.48 28.15
CA ALA C 28 -18.16 -14.19 27.51
C ALA C 28 -16.74 -14.15 26.95
N LEU C 29 -15.87 -15.05 27.43
CA LEU C 29 -14.51 -15.30 26.89
C LEU C 29 -14.49 -16.18 25.65
N GLU C 30 -15.10 -17.37 25.72
CA GLU C 30 -15.31 -18.18 24.50
C GLU C 30 -15.94 -17.39 23.34
N LYS C 31 -16.79 -16.41 23.65
CA LYS C 31 -17.44 -15.55 22.64
C LYS C 31 -16.50 -14.48 22.04
N SER C 32 -15.81 -13.74 22.90
CA SER C 32 -14.68 -12.90 22.47
C SER C 32 -13.67 -13.67 21.63
N GLU C 33 -13.23 -14.83 22.09
CA GLU C 33 -12.13 -15.53 21.39
C GLU C 33 -12.58 -16.02 20.01
N ALA C 34 -13.82 -16.48 19.93
CA ALA C 34 -14.38 -16.96 18.67
C ALA C 34 -14.67 -15.78 17.78
N ARG C 35 -14.95 -14.61 18.35
CA ARG C 35 -15.16 -13.39 17.54
C ARG C 35 -13.83 -12.83 16.98
N ARG C 36 -12.77 -12.82 17.78
CA ARG C 36 -11.42 -12.57 17.20
C ARG C 36 -11.08 -13.51 15.99
N LYS C 37 -11.16 -14.85 16.15
CA LYS C 37 -10.77 -15.81 15.07
C LYS C 37 -11.57 -15.59 13.80
N GLU C 38 -12.82 -15.15 13.94
CA GLU C 38 -13.65 -14.80 12.79
C GLU C 38 -13.14 -13.55 12.12
N LEU C 39 -12.85 -12.51 12.90
CA LEU C 39 -12.34 -11.25 12.35
C LEU C 39 -10.99 -11.52 11.71
N GLU C 40 -10.06 -12.10 12.45
CA GLU C 40 -8.80 -12.56 11.83
C GLU C 40 -8.99 -13.30 10.49
N GLU C 41 -9.86 -14.33 10.46
CA GLU C 41 -9.97 -15.17 9.25
C GLU C 41 -10.59 -14.45 8.05
N LYS C 42 -11.16 -13.26 8.29
CA LYS C 42 -11.67 -12.38 7.23
C LYS C 42 -10.81 -11.16 6.91
N MET C 43 -9.84 -10.81 7.76
CA MET C 43 -8.78 -9.86 7.35
C MET C 43 -7.88 -10.52 6.31
N VAL C 44 -7.83 -11.86 6.29
CA VAL C 44 -6.97 -12.56 5.34
C VAL C 44 -7.50 -12.38 3.90
N SER C 45 -8.79 -12.58 3.70
CA SER C 45 -9.42 -12.47 2.36
C SER C 45 -9.46 -11.02 1.85
N LEU C 46 -9.96 -10.15 2.74
CA LEU C 46 -9.97 -8.69 2.61
C LEU C 46 -8.61 -8.08 2.24
N LEU C 47 -7.59 -8.17 3.10
CA LEU C 47 -6.23 -7.72 2.74
C LEU C 47 -5.72 -8.25 1.40
N GLN C 48 -6.05 -9.49 1.08
CA GLN C 48 -5.52 -10.08 -0.13
C GLN C 48 -6.28 -9.46 -1.29
N GLU C 49 -7.57 -9.14 -1.09
CA GLU C 49 -8.35 -8.53 -2.17
C GLU C 49 -8.00 -7.04 -2.34
N LYS C 50 -7.87 -6.29 -1.25
CA LYS C 50 -7.49 -4.88 -1.34
C LYS C 50 -6.11 -4.70 -2.00
N ASN C 51 -5.19 -5.61 -1.78
CA ASN C 51 -3.87 -5.56 -2.41
C ASN C 51 -3.92 -5.86 -3.90
N ASP C 52 -4.82 -6.75 -4.30
CA ASP C 52 -5.04 -7.03 -5.72
C ASP C 52 -5.75 -5.88 -6.42
N LEU C 53 -6.71 -5.25 -5.73
CA LEU C 53 -7.42 -4.08 -6.24
C LEU C 53 -6.50 -2.86 -6.30
N GLN C 54 -5.40 -2.88 -5.56
CA GLN C 54 -4.42 -1.81 -5.66
C GLN C 54 -3.65 -1.98 -6.95
N LEU C 55 -3.23 -3.22 -7.23
CA LEU C 55 -2.51 -3.57 -8.47
C LEU C 55 -3.40 -3.43 -9.71
N GLN C 56 -4.71 -3.61 -9.58
CA GLN C 56 -5.64 -3.45 -10.70
C GLN C 56 -5.68 -2.00 -11.08
N VAL C 57 -5.62 -1.12 -10.08
CA VAL C 57 -5.62 0.32 -10.30
C VAL C 57 -4.44 0.72 -11.19
N GLN C 58 -3.22 0.44 -10.75
CA GLN C 58 -2.01 0.62 -11.57
C GLN C 58 -2.10 -0.01 -12.97
N ALA C 59 -2.74 -1.16 -13.10
CA ALA C 59 -2.92 -1.82 -14.41
C ALA C 59 -3.84 -1.04 -15.35
N GLU C 60 -4.70 -0.20 -14.78
CA GLU C 60 -5.67 0.60 -15.51
C GLU C 60 -5.37 2.10 -15.41
N GLN C 61 -4.30 2.43 -14.71
CA GLN C 61 -3.77 3.77 -14.82
C GLN C 61 -2.78 3.66 -15.96
N ASP C 62 -2.19 2.46 -16.13
CA ASP C 62 -1.17 2.20 -17.15
C ASP C 62 -1.82 2.10 -18.53
N ASN C 63 -2.88 1.30 -18.65
CA ASN C 63 -3.57 1.11 -19.93
C ASN C 63 -4.26 2.40 -20.43
N LEU C 64 -4.77 3.20 -19.50
CA LEU C 64 -5.29 4.54 -19.78
C LEU C 64 -4.28 5.40 -20.49
N ALA C 65 -3.06 5.35 -19.98
CA ALA C 65 -1.95 6.20 -20.44
C ALA C 65 -1.37 5.71 -21.76
N ASP C 66 -1.54 4.44 -22.09
CA ASP C 66 -1.18 3.96 -23.42
C ASP C 66 -2.19 4.47 -24.43
N ALA C 67 -3.48 4.38 -24.09
CA ALA C 67 -4.56 4.84 -24.95
C ALA C 67 -4.71 6.35 -24.96
N GLU C 68 -4.08 7.03 -24.02
CA GLU C 68 -4.18 8.48 -23.99
C GLU C 68 -3.10 9.10 -24.85
N GLU C 69 -1.93 8.47 -24.90
CA GLU C 69 -0.87 8.97 -25.75
C GLU C 69 -1.12 8.50 -27.17
N ARG C 70 -2.00 7.51 -27.35
CA ARG C 70 -2.39 7.06 -28.69
C ARG C 70 -3.40 8.04 -29.30
N CYS C 71 -4.27 8.60 -28.47
CA CYS C 71 -5.25 9.58 -28.94
C CYS C 71 -4.56 10.86 -29.35
N ASP C 72 -3.52 11.23 -28.61
CA ASP C 72 -2.85 12.50 -28.83
C ASP C 72 -1.59 12.38 -29.68
N GLN C 73 -1.39 11.22 -30.29
CA GLN C 73 -0.51 11.10 -31.43
C GLN C 73 -1.43 11.18 -32.65
N LEU C 74 -2.43 10.30 -32.70
CA LEU C 74 -3.39 10.25 -33.79
C LEU C 74 -3.98 11.62 -34.09
N ILE C 75 -4.27 12.40 -33.04
CA ILE C 75 -4.83 13.75 -33.18
C ILE C 75 -3.83 14.66 -33.89
N LYS C 76 -2.56 14.52 -33.53
CA LYS C 76 -1.50 15.24 -34.22
C LYS C 76 -1.46 14.86 -35.69
N ASN C 77 -1.58 13.58 -36.02
CA ASN C 77 -1.54 13.16 -37.43
C ASN C 77 -2.72 13.71 -38.19
N LYS C 78 -3.89 13.74 -37.55
CA LYS C 78 -5.10 14.31 -38.13
C LYS C 78 -4.90 15.75 -38.55
N ILE C 79 -4.34 16.56 -37.65
CA ILE C 79 -4.08 17.96 -37.95
C ILE C 79 -2.97 18.05 -39.02
N GLN C 80 -2.04 17.10 -39.02
CA GLN C 80 -0.94 17.14 -39.99
C GLN C 80 -1.33 16.55 -41.34
N LEU C 81 -2.48 15.87 -41.41
CA LEU C 81 -2.95 15.28 -42.66
C LEU C 81 -3.99 16.22 -43.26
N GLU C 82 -4.95 16.64 -42.45
CA GLU C 82 -5.90 17.67 -42.86
C GLU C 82 -5.21 18.90 -43.41
N ALA C 83 -3.93 19.10 -43.06
CA ALA C 83 -3.12 20.17 -43.62
C ALA C 83 -2.28 19.67 -44.78
N LYS C 84 -1.90 18.40 -44.77
CA LYS C 84 -1.26 17.82 -45.94
C LYS C 84 -2.22 17.79 -47.14
N VAL C 85 -3.52 17.77 -46.87
CA VAL C 85 -4.54 17.79 -47.91
C VAL C 85 -4.73 19.21 -48.39
N LYS C 86 -5.14 20.09 -47.48
CA LYS C 86 -5.48 21.45 -47.83
C LYS C 86 -4.37 22.18 -48.60
N GLU C 87 -3.16 21.62 -48.62
CA GLU C 87 -2.05 22.17 -49.42
C GLU C 87 -1.94 21.49 -50.78
N MET C 88 -2.12 20.17 -50.81
CA MET C 88 -2.19 19.43 -52.07
C MET C 88 -3.36 19.91 -52.93
N ASN C 89 -4.44 20.36 -52.29
CA ASN C 89 -5.60 20.93 -52.97
C ASN C 89 -5.23 22.21 -53.69
N LYS C 90 -4.34 23.03 -53.12
CA LYS C 90 -3.88 24.27 -53.77
C LYS C 90 -2.75 24.07 -54.79
N ARG C 91 -2.00 22.96 -54.71
CA ARG C 91 -0.91 22.67 -55.68
C ARG C 91 -1.40 21.82 -56.84
N LEU C 92 -2.54 21.18 -56.66
CA LEU C 92 -3.22 20.47 -57.75
C LEU C 92 -3.94 21.52 -58.58
N GLU C 93 -4.57 22.48 -57.90
CA GLU C 93 -5.30 23.53 -58.58
C GLU C 93 -4.38 24.38 -59.41
N ASP C 94 -3.22 24.73 -58.88
CA ASP C 94 -2.26 25.53 -59.63
C ASP C 94 -1.69 24.73 -60.82
N GLU C 95 -1.63 23.42 -60.70
CA GLU C 95 -1.19 22.55 -61.80
C GLU C 95 -2.20 22.52 -62.95
N GLU C 96 -3.50 22.58 -62.59
CA GLU C 96 -4.61 22.64 -63.55
C GLU C 96 -4.65 23.97 -64.31
N GLU C 97 -4.37 25.07 -63.62
CA GLU C 97 -4.27 26.38 -64.25
C GLU C 97 -3.03 26.51 -65.15
N MET C 98 -1.98 25.74 -64.86
CA MET C 98 -0.82 25.69 -65.76
C MET C 98 -1.16 24.79 -66.99
N ASN C 99 -2.14 23.91 -66.85
CA ASN C 99 -2.69 23.12 -67.97
C ASN C 99 -3.41 24.02 -68.96
N ALA C 100 -4.24 24.90 -68.44
CA ALA C 100 -4.99 25.86 -69.22
C ALA C 100 -4.15 26.89 -69.96
N GLU C 101 -3.05 27.34 -69.35
CA GLU C 101 -2.12 28.27 -70.02
C GLU C 101 -1.43 27.55 -71.15
N LEU C 102 -1.00 26.31 -70.89
CA LEU C 102 -0.25 25.52 -71.86
C LEU C 102 -1.16 25.10 -73.01
N THR C 103 -2.40 24.73 -72.69
CA THR C 103 -3.39 24.46 -73.73
C THR C 103 -3.70 25.73 -74.53
N ALA C 104 -4.18 26.76 -73.88
CA ALA C 104 -4.45 28.02 -74.58
C ALA C 104 -3.30 28.33 -75.53
N LYS C 105 -2.07 28.29 -75.01
CA LYS C 105 -0.90 28.59 -75.81
C LYS C 105 -0.63 27.54 -76.87
N LYS C 106 -0.93 26.27 -76.57
CA LYS C 106 -0.79 25.22 -77.58
C LYS C 106 -1.61 25.65 -78.78
N ARG C 107 -2.84 26.04 -78.54
CA ARG C 107 -3.71 26.36 -79.65
C ARG C 107 -3.37 27.66 -80.33
N LYS C 108 -3.13 28.73 -79.59
CA LYS C 108 -2.62 29.96 -80.23
C LYS C 108 -1.47 29.71 -81.22
N LEU C 109 -0.70 28.63 -81.06
CA LEU C 109 0.36 28.33 -82.02
C LEU C 109 -0.15 27.48 -83.17
N GLU C 110 -1.04 26.56 -82.86
CA GLU C 110 -1.75 25.88 -83.92
C GLU C 110 -2.39 26.95 -84.81
N ASP C 111 -3.10 27.94 -84.23
CA ASP C 111 -3.78 28.93 -85.07
C ASP C 111 -2.79 29.65 -85.93
N GLU C 112 -1.59 29.85 -85.40
CA GLU C 112 -0.58 30.57 -86.14
C GLU C 112 0.08 29.73 -87.17
N CYS C 113 0.43 28.48 -86.84
CA CYS C 113 1.06 27.63 -87.84
C CYS C 113 0.07 27.40 -89.01
N SER C 114 -1.23 27.35 -88.73
CA SER C 114 -2.27 27.25 -89.79
C SER C 114 -2.44 28.53 -90.67
N GLU C 115 -2.48 29.73 -90.10
CA GLU C 115 -2.36 30.97 -90.92
C GLU C 115 -1.07 31.07 -91.74
N LEU C 116 0.05 30.58 -91.23
CA LEU C 116 1.30 30.75 -91.96
C LEU C 116 1.27 29.84 -93.17
N LYS C 117 0.69 28.65 -92.98
CA LYS C 117 0.53 27.68 -94.06
C LYS C 117 -0.41 28.19 -95.14
N ARG C 118 -1.40 28.98 -94.78
CA ARG C 118 -2.27 29.58 -95.77
C ARG C 118 -1.52 30.63 -96.58
N ASP C 119 -0.63 31.41 -95.97
CA ASP C 119 0.18 32.40 -96.72
C ASP C 119 1.18 31.78 -97.65
N ILE C 120 1.92 30.79 -97.19
CA ILE C 120 2.81 30.02 -98.07
C ILE C 120 2.02 29.59 -99.27
N ASP C 121 0.87 28.96 -99.02
CA ASP C 121 0.02 28.39 -100.09
C ASP C 121 -0.54 29.42 -101.06
N ASP C 122 -1.22 30.44 -100.57
CA ASP C 122 -1.71 31.55 -101.41
C ASP C 122 -0.61 32.09 -102.30
N LEU C 123 0.62 32.14 -101.77
CA LEU C 123 1.79 32.66 -102.49
C LEU C 123 2.28 31.70 -103.54
N GLU C 124 2.49 30.45 -103.17
CA GLU C 124 2.83 29.39 -104.12
C GLU C 124 1.78 29.10 -105.25
N LEU C 125 0.54 29.60 -105.13
CA LEU C 125 -0.51 29.43 -106.16
C LEU C 125 -0.53 30.55 -107.20
N THR C 126 0.17 31.65 -106.95
CA THR C 126 0.42 32.68 -107.98
C THR C 126 1.63 32.31 -108.87
N LEU C 127 2.36 31.27 -108.48
CA LEU C 127 3.44 30.66 -109.26
C LEU C 127 2.96 29.40 -110.00
N ALA C 128 1.97 28.70 -109.43
CA ALA C 128 1.37 27.48 -110.00
C ALA C 128 -0.08 27.73 -110.44
N SER D 3 -15.49 -33.57 62.04
CA SER D 3 -15.34 -33.27 60.58
C SER D 3 -16.39 -32.32 59.97
N PRO D 4 -17.37 -31.85 60.74
CA PRO D 4 -18.08 -30.62 60.35
C PRO D 4 -17.23 -29.37 60.71
N LEU D 5 -16.34 -29.54 61.69
CA LEU D 5 -15.32 -28.55 62.03
C LEU D 5 -14.29 -28.42 60.90
N LEU D 6 -13.86 -29.54 60.31
CA LEU D 6 -12.82 -29.50 59.29
C LEU D 6 -13.31 -28.97 57.95
N LYS D 7 -14.51 -29.38 57.55
CA LYS D 7 -15.11 -28.89 56.30
C LYS D 7 -15.35 -27.37 56.29
N SER D 8 -15.54 -26.76 57.48
CA SER D 8 -15.77 -25.31 57.60
C SER D 8 -14.51 -24.47 57.40
N ALA D 9 -13.38 -24.99 57.84
CA ALA D 9 -12.10 -24.30 57.67
C ALA D 9 -11.68 -24.29 56.22
N GLU D 10 -12.19 -25.26 55.43
CA GLU D 10 -11.82 -25.40 54.02
C GLU D 10 -12.82 -24.76 53.02
N ARG D 11 -13.88 -24.13 53.55
CA ARG D 11 -14.74 -23.24 52.77
C ARG D 11 -14.21 -21.82 52.93
N GLU D 12 -13.47 -21.57 54.01
CA GLU D 12 -12.74 -20.31 54.18
C GLU D 12 -11.56 -20.28 53.25
N LYS D 13 -10.89 -21.41 53.11
CA LYS D 13 -9.76 -21.47 52.19
C LYS D 13 -10.21 -21.45 50.74
N GLU D 14 -11.33 -22.11 50.41
CA GLU D 14 -11.78 -22.20 49.02
C GLU D 14 -12.29 -20.87 48.54
N MET D 15 -12.87 -20.10 49.46
CA MET D 15 -13.44 -18.82 49.13
C MET D 15 -12.35 -17.86 48.69
N ALA D 16 -11.15 -18.00 49.25
CA ALA D 16 -10.01 -17.15 48.91
C ALA D 16 -9.43 -17.50 47.55
N SER D 17 -9.30 -18.80 47.26
CA SER D 17 -8.91 -19.28 45.92
C SER D 17 -9.83 -18.71 44.85
N MET D 18 -11.11 -19.07 44.94
CA MET D 18 -12.14 -18.57 44.04
C MET D 18 -12.02 -17.06 43.80
N LYS D 19 -11.87 -16.29 44.87
CA LYS D 19 -11.67 -14.82 44.75
C LYS D 19 -10.40 -14.40 43.97
N GLU D 20 -9.43 -15.31 43.79
CA GLU D 20 -8.28 -15.09 42.90
C GLU D 20 -8.60 -15.43 41.44
N GLU D 21 -9.33 -16.53 41.20
CA GLU D 21 -9.77 -16.94 39.86
C GLU D 21 -10.79 -15.96 39.28
N PHE D 22 -11.74 -15.53 40.08
CA PHE D 22 -12.62 -14.41 39.74
C PHE D 22 -11.74 -13.33 39.08
N THR D 23 -10.68 -12.94 39.77
CA THR D 23 -9.83 -11.85 39.30
C THR D 23 -9.12 -12.18 37.98
N ARG D 24 -8.62 -13.41 37.87
CA ARG D 24 -7.99 -13.93 36.66
C ARG D 24 -8.95 -13.96 35.46
N LEU D 25 -10.14 -14.57 35.59
CA LEU D 25 -11.12 -14.59 34.48
C LEU D 25 -11.57 -13.22 34.00
N LYS D 26 -11.72 -12.26 34.92
CA LYS D 26 -11.97 -10.86 34.53
C LYS D 26 -10.81 -10.30 33.72
N GLU D 27 -9.60 -10.64 34.13
CA GLU D 27 -8.38 -10.14 33.47
C GLU D 27 -8.38 -10.70 32.05
N ALA D 28 -8.41 -12.02 31.93
CA ALA D 28 -8.40 -12.73 30.65
C ALA D 28 -9.47 -12.22 29.69
N LEU D 29 -10.68 -11.95 30.19
CA LEU D 29 -11.75 -11.38 29.35
C LEU D 29 -11.47 -9.98 28.84
N GLU D 30 -10.90 -9.11 29.69
CA GLU D 30 -10.64 -7.73 29.28
C GLU D 30 -9.55 -7.67 28.25
N LYS D 31 -8.60 -8.60 28.33
CA LYS D 31 -7.56 -8.75 27.31
C LYS D 31 -8.12 -9.11 25.91
N SER D 32 -9.05 -10.06 25.83
CA SER D 32 -9.80 -10.30 24.58
C SER D 32 -10.49 -9.06 24.01
N GLU D 33 -11.12 -8.27 24.89
CA GLU D 33 -11.94 -7.16 24.44
C GLU D 33 -11.04 -6.14 23.83
N ALA D 34 -9.99 -5.80 24.54
CA ALA D 34 -8.96 -4.94 24.01
C ALA D 34 -8.55 -5.38 22.59
N ARG D 35 -8.12 -6.63 22.40
CA ARG D 35 -7.76 -7.09 21.03
C ARG D 35 -8.94 -7.16 20.00
N ARG D 36 -10.14 -7.55 20.44
CA ARG D 36 -11.31 -7.68 19.56
C ARG D 36 -11.77 -6.30 19.07
N LYS D 37 -11.99 -5.35 19.99
CA LYS D 37 -12.17 -3.96 19.59
C LYS D 37 -11.06 -3.47 18.68
N GLU D 38 -9.81 -3.84 18.93
CA GLU D 38 -8.68 -3.43 18.08
C GLU D 38 -8.99 -3.96 16.67
N LEU D 39 -9.27 -5.25 16.59
CA LEU D 39 -9.51 -5.90 15.31
C LEU D 39 -10.79 -5.39 14.60
N GLU D 40 -11.80 -4.96 15.34
CA GLU D 40 -13.06 -4.58 14.70
C GLU D 40 -12.90 -3.22 14.06
N GLU D 41 -11.92 -2.44 14.56
CA GLU D 41 -11.49 -1.17 13.95
C GLU D 41 -10.76 -1.44 12.63
N LYS D 42 -9.61 -2.12 12.71
CA LYS D 42 -8.76 -2.37 11.55
C LYS D 42 -9.50 -3.02 10.39
N MET D 43 -10.67 -3.60 10.66
CA MET D 43 -11.46 -4.25 9.64
C MET D 43 -12.39 -3.28 8.93
N VAL D 44 -13.10 -2.43 9.69
CA VAL D 44 -13.94 -1.40 9.04
C VAL D 44 -13.04 -0.39 8.33
N SER D 45 -11.86 -0.18 8.85
CA SER D 45 -10.83 0.52 8.13
C SER D 45 -10.57 -0.17 6.78
N LEU D 46 -10.10 -1.41 6.80
CA LEU D 46 -9.74 -2.13 5.57
C LEU D 46 -10.97 -2.52 4.69
N LEU D 47 -12.19 -2.25 5.17
CA LEU D 47 -13.41 -2.52 4.40
C LEU D 47 -13.76 -1.31 3.56
N GLN D 48 -13.92 -0.18 4.24
CA GLN D 48 -13.98 1.12 3.60
C GLN D 48 -12.87 1.21 2.57
N GLU D 49 -11.70 0.70 2.90
CA GLU D 49 -10.58 0.74 1.98
C GLU D 49 -10.81 -0.11 0.74
N LYS D 50 -11.44 -1.27 0.89
CA LYS D 50 -11.72 -2.12 -0.26
C LYS D 50 -12.58 -1.37 -1.28
N ASN D 51 -13.59 -0.67 -0.76
CA ASN D 51 -14.59 0.05 -1.57
C ASN D 51 -13.99 1.26 -2.26
N ASP D 52 -13.34 2.12 -1.49
CA ASP D 52 -12.44 3.14 -2.02
C ASP D 52 -11.69 2.63 -3.25
N LEU D 53 -11.14 1.43 -3.11
CA LEU D 53 -10.33 0.83 -4.16
C LEU D 53 -11.17 0.27 -5.31
N GLN D 54 -12.27 -0.40 -5.06
CA GLN D 54 -13.10 -0.77 -6.20
C GLN D 54 -13.35 0.54 -6.99
N LEU D 55 -14.16 1.45 -6.43
CA LEU D 55 -14.51 2.73 -7.08
C LEU D 55 -13.34 3.39 -7.79
N GLN D 56 -12.14 3.25 -7.27
CA GLN D 56 -10.95 3.80 -7.92
C GLN D 56 -10.63 2.99 -9.20
N VAL D 57 -10.63 1.65 -9.12
CA VAL D 57 -10.48 0.76 -10.30
C VAL D 57 -11.57 0.96 -11.33
N GLN D 58 -12.84 0.92 -10.90
CA GLN D 58 -13.98 0.97 -11.82
C GLN D 58 -14.14 2.35 -12.45
N ALA D 59 -13.74 3.41 -11.74
CA ALA D 59 -13.68 4.73 -12.31
C ALA D 59 -12.68 4.69 -13.46
N GLU D 60 -11.44 4.35 -13.16
CA GLU D 60 -10.39 4.35 -14.17
C GLU D 60 -10.66 3.33 -15.31
N GLN D 61 -11.53 2.34 -15.10
CA GLN D 61 -11.99 1.43 -16.17
C GLN D 61 -12.86 2.13 -17.26
N ASP D 62 -13.87 2.90 -16.83
CA ASP D 62 -14.71 3.73 -17.73
C ASP D 62 -13.98 4.93 -18.33
N ASN D 63 -12.86 5.32 -17.72
CA ASN D 63 -11.93 6.29 -18.30
C ASN D 63 -11.27 5.65 -19.52
N LEU D 64 -10.96 4.34 -19.40
CA LEU D 64 -10.33 3.57 -20.48
C LEU D 64 -11.27 3.34 -21.64
N ALA D 65 -12.51 2.96 -21.36
CA ALA D 65 -13.47 2.74 -22.44
C ALA D 65 -13.69 4.03 -23.23
N ASP D 66 -13.76 5.16 -22.53
CA ASP D 66 -13.91 6.45 -23.17
C ASP D 66 -12.71 6.66 -24.09
N ALA D 67 -11.51 6.72 -23.54
CA ALA D 67 -10.30 6.97 -24.33
C ALA D 67 -10.11 6.02 -25.53
N GLU D 68 -10.47 4.76 -25.37
CA GLU D 68 -10.24 3.72 -26.39
C GLU D 68 -11.29 3.68 -27.50
N GLU D 69 -12.51 4.13 -27.18
CA GLU D 69 -13.58 4.35 -28.17
C GLU D 69 -13.16 5.57 -29.00
N ARG D 70 -12.94 6.70 -28.33
CA ARG D 70 -12.23 7.87 -28.88
C ARG D 70 -10.94 7.54 -29.64
N CYS D 71 -10.23 6.49 -29.23
CA CYS D 71 -9.00 6.10 -29.89
C CYS D 71 -9.31 5.51 -31.25
N ASP D 72 -10.00 4.36 -31.27
CA ASP D 72 -10.28 3.65 -32.52
C ASP D 72 -11.21 4.42 -33.47
N GLN D 73 -11.79 5.54 -33.03
CA GLN D 73 -12.50 6.43 -33.96
C GLN D 73 -11.54 7.22 -34.84
N LEU D 74 -10.34 7.48 -34.33
CA LEU D 74 -9.35 8.32 -35.03
C LEU D 74 -8.50 7.56 -36.05
N ILE D 75 -8.30 6.26 -35.83
CA ILE D 75 -7.77 5.39 -36.86
C ILE D 75 -8.74 5.32 -38.07
N LYS D 76 -10.01 5.61 -37.84
CA LYS D 76 -11.00 5.72 -38.93
C LYS D 76 -10.79 7.03 -39.69
N ASN D 77 -10.62 8.12 -38.94
CA ASN D 77 -10.33 9.43 -39.52
C ASN D 77 -9.07 9.39 -40.39
N LYS D 78 -8.06 8.67 -39.91
CA LYS D 78 -6.72 8.66 -40.49
C LYS D 78 -6.53 7.66 -41.66
N ILE D 79 -7.48 6.76 -41.88
CA ILE D 79 -7.45 5.94 -43.08
C ILE D 79 -8.21 6.66 -44.19
N GLN D 80 -9.28 7.37 -43.84
CA GLN D 80 -9.92 8.25 -44.81
C GLN D 80 -8.83 9.19 -45.33
N LEU D 81 -8.10 9.85 -44.42
CA LEU D 81 -7.13 10.87 -44.80
C LEU D 81 -5.94 10.34 -45.63
N GLU D 82 -5.38 9.21 -45.20
CA GLU D 82 -4.27 8.57 -45.90
C GLU D 82 -4.69 8.24 -47.33
N ALA D 83 -5.93 7.79 -47.49
CA ALA D 83 -6.47 7.41 -48.79
C ALA D 83 -6.80 8.63 -49.63
N LYS D 84 -7.29 9.69 -49.01
CA LYS D 84 -7.57 10.92 -49.72
C LYS D 84 -6.28 11.63 -50.13
N VAL D 85 -5.15 11.19 -49.58
CA VAL D 85 -3.84 11.76 -49.88
C VAL D 85 -3.14 10.99 -50.97
N LYS D 86 -3.15 9.67 -50.88
CA LYS D 86 -2.50 8.85 -51.90
C LYS D 86 -3.18 9.00 -53.28
N GLU D 87 -4.49 9.29 -53.29
CA GLU D 87 -5.21 9.63 -54.52
C GLU D 87 -4.73 11.01 -55.01
N MET D 88 -4.64 11.99 -54.10
CA MET D 88 -4.16 13.33 -54.48
C MET D 88 -2.81 13.23 -55.13
N ASN D 89 -1.93 12.41 -54.57
CA ASN D 89 -0.59 12.23 -55.14
C ASN D 89 -0.65 11.70 -56.53
N LYS D 90 -1.46 10.66 -56.76
CA LYS D 90 -1.56 10.03 -58.07
C LYS D 90 -2.16 11.01 -59.10
N ARG D 91 -3.15 11.80 -58.67
CA ARG D 91 -3.84 12.74 -59.56
C ARG D 91 -2.93 13.91 -59.91
N LEU D 92 -2.00 14.21 -58.99
CA LEU D 92 -1.08 15.31 -59.15
C LEU D 92 -0.07 14.88 -60.16
N GLU D 93 0.39 13.63 -60.00
CA GLU D 93 1.41 13.07 -60.87
C GLU D 93 0.89 13.11 -62.29
N ASP D 94 -0.39 12.78 -62.46
CA ASP D 94 -1.00 12.75 -63.77
C ASP D 94 -1.05 14.15 -64.36
N GLU D 95 -1.38 15.15 -63.55
CA GLU D 95 -1.36 16.52 -64.03
C GLU D 95 0.07 16.89 -64.44
N GLU D 96 1.05 16.52 -63.62
CA GLU D 96 2.44 16.86 -63.88
C GLU D 96 2.96 16.21 -65.17
N GLU D 97 2.35 15.12 -65.59
CA GLU D 97 2.71 14.44 -66.82
C GLU D 97 1.97 14.97 -68.03
N MET D 98 0.74 15.42 -67.84
CA MET D 98 -0.03 16.04 -68.91
C MET D 98 0.66 17.34 -69.30
N ASN D 99 1.10 18.11 -68.29
CA ASN D 99 1.77 19.39 -68.51
C ASN D 99 3.12 19.20 -69.19
N ALA D 100 3.76 18.08 -68.91
CA ALA D 100 5.00 17.73 -69.59
C ALA D 100 4.79 17.49 -71.07
N GLU D 101 3.73 16.79 -71.41
CA GLU D 101 3.41 16.56 -72.81
C GLU D 101 3.03 17.89 -73.47
N LEU D 102 2.14 18.64 -72.83
CA LEU D 102 1.62 19.88 -73.40
C LEU D 102 2.80 20.82 -73.65
N THR D 103 3.76 20.80 -72.73
CA THR D 103 4.98 21.57 -72.90
C THR D 103 5.73 21.08 -74.14
N ALA D 104 5.90 19.77 -74.29
CA ALA D 104 6.67 19.25 -75.40
C ALA D 104 6.02 19.60 -76.73
N LYS D 105 4.69 19.58 -76.81
CA LYS D 105 4.01 19.71 -78.09
C LYS D 105 4.05 21.15 -78.48
N LYS D 106 3.87 22.04 -77.50
CA LYS D 106 3.97 23.47 -77.74
C LYS D 106 5.35 23.80 -78.33
N ARG D 107 6.42 23.39 -77.67
CA ARG D 107 7.78 23.60 -78.21
C ARG D 107 7.98 23.08 -79.62
N LYS D 108 7.32 21.98 -79.96
CA LYS D 108 7.39 21.44 -81.31
C LYS D 108 6.67 22.43 -82.25
N LEU D 109 5.60 23.03 -81.77
CA LEU D 109 4.87 24.02 -82.52
C LEU D 109 5.64 25.34 -82.71
N GLU D 110 6.36 25.82 -81.69
CA GLU D 110 7.16 27.05 -81.84
C GLU D 110 8.25 26.84 -82.88
N ASP D 111 8.82 25.65 -82.89
CA ASP D 111 9.81 25.26 -83.90
C ASP D 111 9.21 25.06 -85.31
N GLU D 112 7.89 24.83 -85.42
CA GLU D 112 7.25 24.77 -86.73
C GLU D 112 6.94 26.18 -87.20
N CYS D 113 6.33 26.98 -86.34
CA CYS D 113 6.11 28.39 -86.60
C CYS D 113 7.40 29.11 -87.03
N SER D 114 8.55 28.81 -86.43
CA SER D 114 9.79 29.47 -86.85
C SER D 114 10.15 29.03 -88.26
N GLU D 115 10.15 27.74 -88.55
CA GLU D 115 10.48 27.33 -89.91
C GLU D 115 9.55 27.99 -90.92
N LEU D 116 8.25 27.94 -90.68
CA LEU D 116 7.29 28.51 -91.63
C LEU D 116 7.54 29.98 -91.88
N LYS D 117 7.87 30.74 -90.84
CA LYS D 117 8.26 32.16 -91.07
C LYS D 117 9.55 32.26 -91.88
N ARG D 118 10.49 31.34 -91.72
CA ARG D 118 11.64 31.31 -92.62
C ARG D 118 11.23 31.10 -94.07
N ASP D 119 10.29 30.18 -94.31
CA ASP D 119 9.80 29.96 -95.67
C ASP D 119 8.99 31.09 -96.24
N ILE D 120 8.05 31.64 -95.47
CA ILE D 120 7.40 32.86 -95.91
C ILE D 120 8.45 33.89 -96.37
N ASP D 121 9.49 34.14 -95.56
CA ASP D 121 10.50 35.18 -95.88
C ASP D 121 11.36 34.80 -97.09
N ASP D 122 11.69 33.52 -97.21
CA ASP D 122 12.61 33.05 -98.26
C ASP D 122 11.95 33.11 -99.64
N LEU D 123 10.74 32.55 -99.73
CA LEU D 123 9.88 32.61 -100.91
C LEU D 123 9.47 34.07 -101.31
N GLU D 124 9.23 34.96 -100.35
CA GLU D 124 9.06 36.39 -100.64
C GLU D 124 10.38 37.10 -101.11
N LEU D 125 11.55 36.67 -100.63
CA LEU D 125 12.84 37.15 -101.17
C LEU D 125 12.94 36.99 -102.71
N THR D 126 12.47 35.86 -103.26
CA THR D 126 12.53 35.64 -104.71
C THR D 126 11.80 36.71 -105.54
N LEU D 127 10.80 37.37 -104.98
CA LEU D 127 10.09 38.45 -105.70
C LEU D 127 10.71 39.88 -105.53
N ALA D 128 11.53 40.08 -104.50
CA ALA D 128 12.19 41.37 -104.22
C ALA D 128 12.41 42.31 -105.41
N LYS D 129 12.09 43.62 -105.20
CA LYS D 129 12.48 44.76 -106.06
C LYS D 129 11.90 46.10 -105.50
#